data_4MZY
#
_entry.id   4MZY
#
_cell.length_a   71.254
_cell.length_b   111.381
_cell.length_c   154.604
_cell.angle_alpha   90.00
_cell.angle_beta   90.00
_cell.angle_gamma   90.00
#
_symmetry.space_group_name_H-M   'I 2 2 2'
#
loop_
_entity.id
_entity.type
_entity.pdbx_description
1 polymer 'NICOTINATE PHOSPHORIBOSYLTRANSFERASE'
2 non-polymer 'PHOSPHATE ION'
3 non-polymer GLYCEROL
4 non-polymer 'MALONIC ACID'
5 non-polymer 'CHLORIDE ION'
6 non-polymer 'FORMIC ACID'
7 water water
#
_entity_poly.entity_id   1
_entity_poly.type   'polypeptide(L)'
_entity_poly.pdbx_seq_one_letter_code
;MDYTYADDSLTLHTDMYQINMMQTYWELGRADLHAVFECYFREMPFNHGYAIFAGLERLVNYLENLTFTESDIAYLREVE
EYPEDFLTYLANFEFKCTVRSALEGDLVFNNEPLIQIEGPLAQCQLVETALLNMVNFQTLIATKAARIKSVIGDDPLLEF
GTRRAQELDAAIWGTRAAYIGGADATSNVRAGKIFGIPVSGTHAHSLVQSYGNDYEAFMAYAKTHRDCVFLVDTYDTLKA
GVPSAIRVAREMGDKINFLGVRIDSGDMAYISKRVREQLDEAGFTEAKIYASNDLDENTILNLKMQKSKIDVWGVGTKLI
TAYDQPALGAVFKLVSIEGEDGQMKDTIKLSSNAEKVTTPGKKQVWRITRKSDKKSEGDYVTLWNEDPRQEEEIYMFHPV
HTFINKYVRDFEARPVLQDIFVEGKRVYELPTLDEIKQYAKENLDSLHEEYKRDLNPQKYPVDLSTDCWNHKMNLLEKVR
KDVKHLTETVNKEA
;
_entity_poly.pdbx_strand_id   A
#
# COMPACT_ATOMS: atom_id res chain seq x y z
N TYR A 3 19.32 -24.36 20.25
CA TYR A 3 18.84 -24.31 18.84
C TYR A 3 18.16 -22.98 18.53
N THR A 4 17.29 -22.50 19.44
CA THR A 4 16.48 -21.27 19.20
C THR A 4 16.72 -20.10 20.16
N TYR A 5 16.57 -18.88 19.63
CA TYR A 5 16.95 -17.65 20.32
C TYR A 5 15.79 -16.70 20.43
N ALA A 6 15.98 -15.69 21.27
CA ALA A 6 14.93 -14.74 21.61
C ALA A 6 14.55 -13.93 20.37
N ASP A 7 13.26 -13.74 20.16
CA ASP A 7 12.79 -12.87 19.08
C ASP A 7 12.85 -11.39 19.49
N ASP A 8 14.05 -10.84 19.52
CA ASP A 8 14.23 -9.49 20.03
C ASP A 8 14.63 -8.49 18.95
N SER A 9 14.56 -8.88 17.68
CA SER A 9 15.16 -8.09 16.62
C SER A 9 14.54 -8.36 15.24
N LEU A 10 14.43 -7.31 14.44
CA LEU A 10 14.03 -7.44 13.03
C LEU A 10 15.21 -7.50 12.10
N THR A 11 16.43 -7.38 12.62
CA THR A 11 17.58 -7.18 11.75
C THR A 11 17.88 -8.40 10.90
N LEU A 12 17.59 -9.60 11.39
CA LEU A 12 17.73 -10.80 10.57
C LEU A 12 16.41 -11.21 9.85
N HIS A 13 15.43 -10.32 9.82
CA HIS A 13 14.26 -10.53 8.96
C HIS A 13 14.67 -10.20 7.55
N THR A 14 15.39 -11.15 6.94
CA THR A 14 16.10 -10.96 5.67
C THR A 14 16.30 -12.35 5.08
N ASP A 15 16.52 -12.40 3.78
CA ASP A 15 16.89 -13.64 3.15
C ASP A 15 18.36 -13.96 3.43
N MET A 16 18.68 -15.24 3.61
CA MET A 16 20.07 -15.67 3.76
C MET A 16 20.97 -15.22 2.60
N TYR A 17 20.48 -15.15 1.36
CA TYR A 17 21.24 -14.57 0.22
C TYR A 17 21.94 -13.27 0.62
N GLN A 18 21.19 -12.42 1.32
CA GLN A 18 21.66 -11.08 1.67
CA GLN A 18 21.66 -11.08 1.67
C GLN A 18 22.89 -11.14 2.55
N ILE A 19 22.84 -11.98 3.59
CA ILE A 19 23.91 -12.13 4.54
C ILE A 19 25.12 -12.82 3.88
N ASN A 20 24.87 -13.84 3.06
CA ASN A 20 26.00 -14.48 2.33
C ASN A 20 26.73 -13.51 1.40
N MET A 21 25.97 -12.66 0.73
CA MET A 21 26.52 -11.66 -0.17
C MET A 21 27.29 -10.61 0.63
N MET A 22 26.74 -10.22 1.78
CA MET A 22 27.42 -9.28 2.66
C MET A 22 28.77 -9.82 3.10
N GLN A 23 28.83 -11.11 3.45
CA GLN A 23 30.09 -11.77 3.86
C GLN A 23 31.13 -11.75 2.77
N THR A 24 30.71 -12.11 1.57
CA THR A 24 31.55 -12.05 0.37
C THR A 24 32.12 -10.64 0.11
N TYR A 25 31.27 -9.62 0.19
CA TYR A 25 31.75 -8.23 0.01
C TYR A 25 32.76 -7.86 1.09
N TRP A 26 32.40 -8.13 2.35
CA TRP A 26 33.23 -7.80 3.47
C TRP A 26 34.62 -8.45 3.37
N GLU A 27 34.65 -9.74 3.10
CA GLU A 27 35.90 -10.50 3.06
CA GLU A 27 35.91 -10.49 3.08
C GLU A 27 36.80 -10.03 1.94
N LEU A 28 36.21 -9.53 0.85
CA LEU A 28 36.99 -9.10 -0.31
C LEU A 28 37.22 -7.59 -0.35
N GLY A 29 36.84 -6.92 0.74
CA GLY A 29 37.04 -5.47 0.90
C GLY A 29 36.22 -4.58 -0.01
N ARG A 30 35.00 -5.02 -0.34
CA ARG A 30 34.13 -4.29 -1.25
C ARG A 30 32.82 -3.93 -0.59
N ALA A 31 32.75 -4.09 0.72
CA ALA A 31 31.51 -3.85 1.46
C ALA A 31 31.08 -2.38 1.43
N ASP A 32 32.04 -1.47 1.23
CA ASP A 32 31.76 -0.02 1.21
C ASP A 32 31.74 0.59 -0.19
N LEU A 33 31.73 -0.25 -1.22
CA LEU A 33 31.48 0.24 -2.59
C LEU A 33 30.13 0.96 -2.61
N HIS A 34 30.09 2.11 -3.25
CA HIS A 34 28.88 2.92 -3.33
C HIS A 34 27.90 2.28 -4.31
N ALA A 35 26.67 2.04 -3.85
CA ALA A 35 25.68 1.33 -4.66
C ALA A 35 24.36 2.11 -4.67
N VAL A 36 23.57 1.94 -5.73
CA VAL A 36 22.21 2.49 -5.78
C VAL A 36 21.21 1.36 -6.13
N PHE A 37 20.20 1.18 -5.28
CA PHE A 37 19.11 0.21 -5.51
C PHE A 37 17.80 0.98 -5.63
N GLU A 38 16.88 0.48 -6.48
CA GLU A 38 15.57 1.07 -6.65
C GLU A 38 14.49 -0.02 -6.54
N CYS A 39 13.40 0.34 -5.89
CA CYS A 39 12.21 -0.50 -5.75
C CYS A 39 11.12 -0.04 -6.73
N TYR A 40 10.51 -0.99 -7.44
CA TYR A 40 9.41 -0.70 -8.37
C TYR A 40 8.55 -1.95 -8.57
N PHE A 41 7.35 -1.77 -9.08
CA PHE A 41 6.53 -2.92 -9.53
C PHE A 41 6.24 -2.80 -11.02
N ARG A 42 5.88 -3.91 -11.66
CA ARG A 42 5.80 -3.95 -13.12
CA ARG A 42 5.79 -3.98 -13.12
C ARG A 42 4.39 -3.85 -13.69
N GLU A 43 3.38 -4.26 -12.92
CA GLU A 43 1.99 -4.25 -13.36
C GLU A 43 1.12 -3.51 -12.36
N MET A 44 0.11 -2.79 -12.86
CA MET A 44 -0.83 -2.11 -12.00
C MET A 44 -1.67 -3.12 -11.24
N PRO A 45 -1.72 -3.00 -9.90
CA PRO A 45 -2.50 -3.97 -9.12
C PRO A 45 -4.00 -3.84 -9.43
N PHE A 46 -4.67 -4.97 -9.58
CA PHE A 46 -6.10 -5.06 -9.91
C PHE A 46 -6.43 -4.43 -11.29
N ASN A 47 -5.43 -4.17 -12.11
CA ASN A 47 -5.60 -3.33 -13.32
C ASN A 47 -6.19 -1.95 -13.00
N HIS A 48 -5.91 -1.46 -11.80
CA HIS A 48 -6.36 -0.14 -11.43
C HIS A 48 -5.57 0.96 -12.15
N GLY A 49 -6.14 2.15 -12.21
CA GLY A 49 -5.52 3.30 -12.89
C GLY A 49 -4.35 3.92 -12.17
N TYR A 50 -4.31 3.75 -10.85
CA TYR A 50 -3.25 4.28 -10.00
C TYR A 50 -3.10 3.35 -8.80
N ALA A 51 -2.01 3.52 -8.07
CA ALA A 51 -1.82 2.95 -6.74
C ALA A 51 -1.56 4.04 -5.70
N ILE A 52 -1.79 3.71 -4.44
CA ILE A 52 -1.56 4.62 -3.31
C ILE A 52 -0.42 4.05 -2.49
N PHE A 53 0.65 4.82 -2.36
CA PHE A 53 1.80 4.36 -1.62
C PHE A 53 1.57 4.31 -0.10
N ALA A 54 1.97 3.21 0.51
CA ALA A 54 1.96 3.09 1.97
C ALA A 54 3.12 2.21 2.39
N GLY A 55 3.63 2.42 3.61
CA GLY A 55 4.76 1.67 4.13
C GLY A 55 5.88 2.47 4.74
N LEU A 56 5.87 3.79 4.57
CA LEU A 56 7.01 4.64 4.98
C LEU A 56 7.22 4.69 6.49
N GLU A 57 6.15 4.91 7.26
CA GLU A 57 6.30 4.94 8.71
C GLU A 57 6.90 3.63 9.19
N ARG A 58 6.39 2.52 8.66
CA ARG A 58 6.90 1.20 9.02
C ARG A 58 8.39 1.05 8.72
N LEU A 59 8.81 1.45 7.53
CA LEU A 59 10.19 1.26 7.15
C LEU A 59 11.12 2.21 7.90
N VAL A 60 10.62 3.40 8.22
CA VAL A 60 11.37 4.33 9.06
C VAL A 60 11.65 3.74 10.43
N ASN A 61 10.63 3.16 11.07
CA ASN A 61 10.82 2.54 12.37
C ASN A 61 11.84 1.41 12.32
N TYR A 62 11.75 0.59 11.29
CA TYR A 62 12.68 -0.50 11.08
C TYR A 62 14.13 0.00 10.93
N LEU A 63 14.34 1.02 10.10
CA LEU A 63 15.71 1.52 9.82
C LEU A 63 16.34 2.23 11.02
N GLU A 64 15.53 2.99 11.76
CA GLU A 64 16.01 3.64 13.00
C GLU A 64 16.38 2.68 14.12
N ASN A 65 15.94 1.43 14.04
CA ASN A 65 16.27 0.43 15.04
C ASN A 65 17.14 -0.70 14.49
N LEU A 66 17.74 -0.48 13.32
CA LEU A 66 18.48 -1.55 12.66
C LEU A 66 19.87 -1.77 13.29
N THR A 67 19.91 -2.64 14.30
CA THR A 67 21.16 -3.03 14.96
CA THR A 67 21.17 -3.04 14.93
C THR A 67 21.15 -4.54 15.14
N PHE A 68 22.32 -5.15 15.13
CA PHE A 68 22.40 -6.58 15.41
C PHE A 68 22.45 -6.79 16.90
N THR A 69 21.52 -7.57 17.43
CA THR A 69 21.48 -7.83 18.87
C THR A 69 22.40 -8.96 19.24
N GLU A 70 22.58 -9.17 20.54
CA GLU A 70 23.42 -10.26 21.04
C GLU A 70 22.89 -11.60 20.56
N SER A 71 21.58 -11.80 20.61
CA SER A 71 20.97 -13.03 20.12
C SER A 71 21.12 -13.22 18.61
N ASP A 72 21.02 -12.13 17.85
CA ASP A 72 21.26 -12.16 16.39
C ASP A 72 22.64 -12.74 16.12
N ILE A 73 23.66 -12.14 16.72
CA ILE A 73 25.04 -12.58 16.52
C ILE A 73 25.29 -14.00 17.04
N ALA A 74 24.78 -14.32 18.23
CA ALA A 74 24.92 -15.67 18.78
C ALA A 74 24.34 -16.74 17.85
N TYR A 75 23.17 -16.47 17.27
CA TYR A 75 22.63 -17.38 16.25
C TYR A 75 23.55 -17.54 15.04
N LEU A 76 24.05 -16.42 14.52
CA LEU A 76 24.87 -16.47 13.33
C LEU A 76 26.19 -17.22 13.63
N ARG A 77 26.66 -17.10 14.87
CA ARG A 77 27.90 -17.75 15.28
C ARG A 77 27.69 -19.23 15.52
N GLU A 78 26.74 -19.53 16.41
CA GLU A 78 26.60 -20.88 16.95
C GLU A 78 25.90 -21.84 16.00
N VAL A 79 24.94 -21.36 15.21
CA VAL A 79 24.18 -22.23 14.31
C VAL A 79 24.67 -22.14 12.87
N GLU A 80 24.75 -20.93 12.32
CA GLU A 80 25.15 -20.78 10.93
C GLU A 80 26.67 -20.79 10.75
N GLU A 81 27.41 -20.63 11.85
CA GLU A 81 28.87 -20.68 11.83
C GLU A 81 29.50 -19.65 10.91
N TYR A 82 29.03 -18.41 10.97
CA TYR A 82 29.70 -17.31 10.24
C TYR A 82 31.02 -16.96 10.96
N PRO A 83 32.05 -16.53 10.21
CA PRO A 83 33.35 -16.25 10.87
C PRO A 83 33.32 -15.05 11.80
N GLU A 84 34.15 -15.09 12.83
CA GLU A 84 34.11 -14.09 13.90
C GLU A 84 34.33 -12.70 13.38
N ASP A 85 35.21 -12.60 12.40
CA ASP A 85 35.64 -11.32 11.87
C ASP A 85 34.46 -10.59 11.21
N PHE A 86 33.72 -11.30 10.37
CA PHE A 86 32.49 -10.78 9.77
C PHE A 86 31.44 -10.43 10.84
N LEU A 87 31.33 -11.28 11.86
CA LEU A 87 30.40 -11.05 12.96
C LEU A 87 30.68 -9.78 13.75
N THR A 88 31.95 -9.38 13.83
CA THR A 88 32.29 -8.13 14.50
C THR A 88 31.91 -6.94 13.64
N TYR A 89 32.05 -7.09 12.32
CA TYR A 89 31.50 -6.09 11.39
C TYR A 89 29.97 -5.91 11.63
N LEU A 90 29.23 -7.01 11.66
CA LEU A 90 27.80 -6.94 11.95
C LEU A 90 27.52 -6.34 13.35
N ALA A 91 28.26 -6.77 14.36
CA ALA A 91 28.09 -6.25 15.71
C ALA A 91 28.29 -4.74 15.83
N ASN A 92 29.20 -4.18 15.04
CA ASN A 92 29.42 -2.71 15.02
C ASN A 92 28.60 -1.96 13.96
N PHE A 93 27.75 -2.67 13.24
CA PHE A 93 26.96 -2.11 12.15
C PHE A 93 26.11 -0.91 12.60
N GLU A 94 26.22 0.20 11.89
CA GLU A 94 25.15 1.20 11.98
C GLU A 94 24.78 1.77 10.61
N PHE A 95 23.47 1.96 10.43
CA PHE A 95 22.89 2.30 9.13
C PHE A 95 23.41 3.66 8.66
N LYS A 96 24.01 3.67 7.48
CA LYS A 96 24.59 4.89 6.89
C LYS A 96 24.13 5.17 5.45
N CYS A 97 23.01 4.60 5.02
CA CYS A 97 22.53 4.82 3.67
C CYS A 97 21.60 6.00 3.55
N THR A 98 21.62 6.61 2.37
CA THR A 98 20.64 7.62 2.01
C THR A 98 19.41 6.88 1.49
N VAL A 99 18.24 7.32 1.92
CA VAL A 99 16.97 6.70 1.51
C VAL A 99 16.06 7.80 0.99
N ARG A 100 15.58 7.65 -0.25
CA ARG A 100 14.60 8.53 -0.85
C ARG A 100 13.33 7.72 -1.15
N SER A 101 12.16 8.34 -1.05
CA SER A 101 10.91 7.57 -1.17
C SER A 101 9.76 8.46 -1.57
N ALA A 102 8.78 7.87 -2.25
CA ALA A 102 7.48 8.48 -2.30
C ALA A 102 6.96 8.56 -0.82
N LEU A 103 6.06 9.49 -0.57
CA LEU A 103 5.49 9.70 0.75
C LEU A 103 4.19 8.92 0.82
N GLU A 104 3.78 8.50 2.02
CA GLU A 104 2.53 7.76 2.14
C GLU A 104 1.38 8.67 1.69
N GLY A 105 0.45 8.09 0.92
CA GLY A 105 -0.66 8.83 0.33
C GLY A 105 -0.36 9.38 -1.06
N ASP A 106 0.90 9.34 -1.49
CA ASP A 106 1.28 9.65 -2.87
C ASP A 106 0.69 8.63 -3.83
N LEU A 107 0.29 9.10 -5.00
CA LEU A 107 -0.06 8.20 -6.09
C LEU A 107 1.25 7.66 -6.65
N VAL A 108 1.27 6.35 -6.90
CA VAL A 108 2.41 5.73 -7.57
C VAL A 108 1.96 4.80 -8.65
N PHE A 109 2.86 4.49 -9.56
CA PHE A 109 2.52 3.74 -10.75
C PHE A 109 3.59 2.70 -11.04
N ASN A 110 3.33 1.83 -12.00
CA ASN A 110 4.30 0.80 -12.38
C ASN A 110 5.45 1.35 -13.22
N ASN A 111 6.58 0.64 -13.18
CA ASN A 111 7.82 0.98 -13.89
C ASN A 111 8.42 2.35 -13.58
N GLU A 112 8.31 2.76 -12.33
CA GLU A 112 8.99 3.95 -11.84
C GLU A 112 9.54 3.65 -10.45
N PRO A 113 10.69 4.22 -10.10
CA PRO A 113 11.20 3.98 -8.75
C PRO A 113 10.32 4.62 -7.68
N LEU A 114 10.02 3.83 -6.63
CA LEU A 114 9.22 4.29 -5.51
C LEU A 114 10.07 4.53 -4.26
N ILE A 115 11.14 3.75 -4.13
CA ILE A 115 12.08 3.89 -3.03
C ILE A 115 13.45 3.73 -3.63
N GLN A 116 14.40 4.53 -3.16
CA GLN A 116 15.76 4.47 -3.68
C GLN A 116 16.69 4.46 -2.49
N ILE A 117 17.65 3.55 -2.50
CA ILE A 117 18.59 3.43 -1.42
C ILE A 117 19.98 3.56 -2.01
N GLU A 118 20.80 4.39 -1.38
CA GLU A 118 22.13 4.70 -1.90
C GLU A 118 23.11 4.76 -0.72
N GLY A 119 24.22 4.04 -0.87
CA GLY A 119 25.21 3.96 0.16
C GLY A 119 26.08 2.73 0.02
N PRO A 120 26.73 2.33 1.12
CA PRO A 120 27.61 1.17 1.07
C PRO A 120 26.87 -0.09 0.62
N LEU A 121 27.42 -0.76 -0.38
CA LEU A 121 26.83 -1.94 -1.00
C LEU A 121 26.29 -2.96 0.03
N ALA A 122 27.11 -3.30 1.02
CA ALA A 122 26.68 -4.32 1.99
C ALA A 122 25.46 -3.89 2.80
N GLN A 123 25.35 -2.59 3.11
CA GLN A 123 24.22 -2.12 3.91
C GLN A 123 22.91 -2.10 3.11
N CYS A 124 22.98 -1.68 1.85
CA CYS A 124 21.82 -1.69 0.95
C CYS A 124 21.24 -3.09 0.82
N GLN A 125 22.14 -4.06 0.74
CA GLN A 125 21.80 -5.47 0.56
C GLN A 125 20.95 -5.96 1.74
N LEU A 126 21.32 -5.56 2.95
CA LEU A 126 20.64 -6.03 4.18
C LEU A 126 19.15 -5.69 4.25
N VAL A 127 18.80 -4.50 3.84
CA VAL A 127 17.43 -3.98 4.07
C VAL A 127 16.39 -4.31 2.99
N GLU A 128 16.81 -4.85 1.83
CA GLU A 128 15.92 -5.09 0.70
C GLU A 128 14.71 -5.92 1.07
N THR A 129 14.95 -7.05 1.72
CA THR A 129 13.91 -8.06 1.95
C THR A 129 12.80 -7.52 2.84
N ALA A 130 13.18 -6.94 3.96
CA ALA A 130 12.24 -6.36 4.91
C ALA A 130 11.43 -5.22 4.33
N LEU A 131 12.10 -4.33 3.61
CA LEU A 131 11.37 -3.23 2.95
C LEU A 131 10.30 -3.73 1.98
N LEU A 132 10.64 -4.72 1.16
CA LEU A 132 9.67 -5.26 0.23
C LEU A 132 8.50 -5.93 0.95
N ASN A 133 8.80 -6.68 1.99
CA ASN A 133 7.78 -7.35 2.81
C ASN A 133 6.75 -6.34 3.34
N MET A 134 7.23 -5.20 3.83
CA MET A 134 6.36 -4.13 4.38
C MET A 134 5.62 -3.35 3.31
N VAL A 135 6.36 -2.86 2.34
CA VAL A 135 5.83 -1.91 1.35
C VAL A 135 4.91 -2.58 0.34
N ASN A 136 5.25 -3.80 -0.08
CA ASN A 136 4.42 -4.55 -1.00
C ASN A 136 3.00 -4.64 -0.47
N PHE A 137 2.88 -5.10 0.77
CA PHE A 137 1.57 -5.36 1.33
C PHE A 137 0.81 -4.06 1.55
N GLN A 138 1.45 -3.09 2.17
CA GLN A 138 0.77 -1.88 2.60
C GLN A 138 0.25 -1.08 1.41
N THR A 139 1.04 -0.95 0.37
CA THR A 139 0.62 -0.31 -0.86
C THR A 139 -0.53 -1.06 -1.57
N LEU A 140 -0.47 -2.38 -1.54
CA LEU A 140 -1.51 -3.18 -2.16
C LEU A 140 -2.87 -2.91 -1.48
N ILE A 141 -2.88 -2.94 -0.15
CA ILE A 141 -4.16 -2.75 0.56
C ILE A 141 -4.69 -1.31 0.46
N ALA A 142 -3.81 -0.30 0.54
CA ALA A 142 -4.27 1.07 0.38
C ALA A 142 -4.95 1.23 -0.97
N THR A 143 -4.39 0.59 -1.99
CA THR A 143 -4.89 0.70 -3.36
C THR A 143 -6.23 -0.03 -3.46
N LYS A 144 -6.32 -1.22 -2.87
CA LYS A 144 -7.59 -1.96 -2.88
C LYS A 144 -8.72 -1.17 -2.19
N ALA A 145 -8.38 -0.53 -1.06
CA ALA A 145 -9.35 0.32 -0.34
C ALA A 145 -9.82 1.50 -1.21
N ALA A 146 -8.91 2.17 -1.92
CA ALA A 146 -9.30 3.24 -2.83
C ALA A 146 -10.25 2.74 -3.89
N ARG A 147 -9.99 1.55 -4.40
CA ARG A 147 -10.78 0.98 -5.48
C ARG A 147 -12.21 0.68 -5.04
N ILE A 148 -12.32 0.15 -3.82
CA ILE A 148 -13.63 -0.10 -3.21
C ILE A 148 -14.35 1.22 -2.86
N LYS A 149 -13.63 2.14 -2.22
CA LYS A 149 -14.23 3.43 -1.85
C LYS A 149 -14.73 4.20 -3.08
N SER A 150 -14.02 4.06 -4.21
CA SER A 150 -14.42 4.68 -5.47
C SER A 150 -15.85 4.31 -5.93
N VAL A 151 -16.28 3.06 -5.72
CA VAL A 151 -17.64 2.66 -6.14
C VAL A 151 -18.68 3.02 -5.08
N ILE A 152 -18.25 3.12 -3.84
CA ILE A 152 -19.12 3.50 -2.72
C ILE A 152 -19.50 4.98 -2.72
N GLY A 153 -18.60 5.85 -3.17
CA GLY A 153 -18.82 7.30 -3.06
C GLY A 153 -18.77 7.76 -1.61
N ASP A 154 -19.68 8.65 -1.21
CA ASP A 154 -19.68 9.20 0.15
C ASP A 154 -20.27 8.33 1.27
N ASP A 155 -20.77 7.13 0.95
CA ASP A 155 -21.19 6.16 1.97
C ASP A 155 -19.96 5.73 2.80
N PRO A 156 -20.16 5.47 4.10
CA PRO A 156 -19.04 4.94 4.89
C PRO A 156 -18.60 3.54 4.47
N LEU A 157 -17.28 3.36 4.44
CA LEU A 157 -16.65 2.06 4.30
C LEU A 157 -15.96 1.66 5.61
N LEU A 158 -16.39 0.53 6.13
CA LEU A 158 -15.87 0.01 7.38
C LEU A 158 -15.05 -1.27 7.12
N GLU A 159 -13.78 -1.25 7.53
CA GLU A 159 -12.85 -2.39 7.37
C GLU A 159 -13.02 -3.34 8.57
N PHE A 160 -13.53 -4.55 8.35
CA PHE A 160 -13.87 -5.54 9.39
CA PHE A 160 -13.75 -5.50 9.47
C PHE A 160 -13.13 -6.89 9.19
N GLY A 161 -12.00 -6.91 8.49
CA GLY A 161 -11.35 -8.19 8.11
C GLY A 161 -10.26 -8.82 8.98
N THR A 162 -10.02 -8.28 10.19
CA THR A 162 -9.00 -8.84 11.09
C THR A 162 -9.05 -10.38 11.24
N ARG A 163 -10.23 -10.94 11.45
CA ARG A 163 -10.34 -12.37 11.69
C ARG A 163 -9.91 -13.26 10.49
N ARG A 164 -9.87 -12.67 9.29
CA ARG A 164 -9.47 -13.36 8.05
C ARG A 164 -8.10 -12.93 7.49
N ALA A 165 -7.41 -12.02 8.17
CA ALA A 165 -6.13 -11.49 7.68
C ALA A 165 -4.97 -12.49 7.79
N GLN A 166 -3.91 -12.23 7.05
CA GLN A 166 -2.77 -13.10 7.04
C GLN A 166 -1.85 -12.77 8.22
N GLU A 167 -2.29 -13.18 9.39
CA GLU A 167 -1.57 -13.02 10.65
C GLU A 167 -1.66 -11.60 11.20
N LEU A 168 -1.12 -11.36 12.37
CA LEU A 168 -1.40 -10.14 13.11
C LEU A 168 -0.96 -8.81 12.50
N ASP A 169 0.26 -8.74 11.99
CA ASP A 169 0.77 -7.52 11.40
C ASP A 169 -0.08 -7.12 10.22
N ALA A 170 -0.50 -8.09 9.43
CA ALA A 170 -1.34 -7.83 8.27
C ALA A 170 -2.63 -7.14 8.69
N ALA A 171 -3.24 -7.60 9.78
CA ALA A 171 -4.48 -6.99 10.25
C ALA A 171 -4.27 -5.52 10.64
N ILE A 172 -3.25 -5.24 11.47
CA ILE A 172 -3.12 -3.86 12.01
C ILE A 172 -2.56 -2.89 10.94
N TRP A 173 -1.52 -3.29 10.24
CA TRP A 173 -0.94 -2.44 9.20
C TRP A 173 -1.82 -2.40 7.95
N GLY A 174 -2.53 -3.50 7.66
CA GLY A 174 -3.48 -3.51 6.56
C GLY A 174 -4.65 -2.61 6.82
N THR A 175 -5.17 -2.62 8.04
CA THR A 175 -6.32 -1.74 8.32
C THR A 175 -5.90 -0.25 8.31
N ARG A 176 -4.67 0.04 8.71
CA ARG A 176 -4.12 1.38 8.62
C ARG A 176 -4.04 1.81 7.15
N ALA A 177 -3.51 0.92 6.31
CA ALA A 177 -3.43 1.20 4.87
C ALA A 177 -4.80 1.40 4.22
N ALA A 178 -5.76 0.57 4.62
CA ALA A 178 -7.13 0.73 4.17
C ALA A 178 -7.69 2.12 4.54
N TYR A 179 -7.40 2.59 5.75
CA TYR A 179 -7.87 3.90 6.16
C TYR A 179 -7.24 4.97 5.25
N ILE A 180 -5.96 4.84 4.97
CA ILE A 180 -5.31 5.79 4.08
C ILE A 180 -5.93 5.76 2.70
N GLY A 181 -6.19 4.57 2.20
CA GLY A 181 -6.75 4.33 0.91
C GLY A 181 -8.16 4.84 0.69
N GLY A 182 -9.00 4.76 1.72
CA GLY A 182 -10.39 5.11 1.59
C GLY A 182 -11.39 4.54 2.58
N ALA A 183 -10.99 3.62 3.42
CA ALA A 183 -11.83 3.22 4.55
C ALA A 183 -12.05 4.36 5.56
N ASP A 184 -13.23 4.42 6.14
CA ASP A 184 -13.58 5.42 7.13
C ASP A 184 -13.42 5.00 8.60
N ALA A 185 -13.34 3.70 8.84
CA ALA A 185 -13.16 3.17 10.18
C ALA A 185 -12.66 1.75 10.15
N THR A 186 -12.20 1.26 11.29
CA THR A 186 -11.83 -0.14 11.47
C THR A 186 -12.61 -0.79 12.59
N SER A 187 -12.73 -2.11 12.57
CA SER A 187 -13.19 -2.86 13.73
C SER A 187 -12.09 -3.13 14.74
N ASN A 188 -10.84 -3.01 14.34
CA ASN A 188 -9.73 -3.49 15.15
C ASN A 188 -9.34 -2.48 16.22
N VAL A 189 -9.58 -2.84 17.47
CA VAL A 189 -9.42 -1.89 18.57
C VAL A 189 -7.96 -1.48 18.78
N ARG A 190 -7.04 -2.45 18.70
CA ARG A 190 -5.61 -2.18 18.79
C ARG A 190 -5.14 -1.18 17.72
N ALA A 191 -5.65 -1.32 16.49
CA ALA A 191 -5.29 -0.39 15.42
C ALA A 191 -5.76 1.03 15.79
N GLY A 192 -6.95 1.12 16.35
CA GLY A 192 -7.44 2.37 16.91
C GLY A 192 -6.49 2.93 17.97
N LYS A 193 -6.06 2.05 18.87
CA LYS A 193 -5.22 2.45 20.01
C LYS A 193 -3.86 3.00 19.56
N ILE A 194 -3.22 2.30 18.63
CA ILE A 194 -1.84 2.61 18.30
C ILE A 194 -1.71 3.53 17.08
N PHE A 195 -2.74 3.62 16.24
CA PHE A 195 -2.67 4.46 15.04
C PHE A 195 -3.64 5.63 15.06
N GLY A 196 -4.65 5.57 15.93
CA GLY A 196 -5.66 6.62 15.99
C GLY A 196 -6.76 6.56 14.94
N ILE A 197 -6.98 5.38 14.36
CA ILE A 197 -8.04 5.20 13.39
C ILE A 197 -9.38 5.13 14.16
N PRO A 198 -10.46 5.73 13.63
CA PRO A 198 -11.78 5.52 14.27
C PRO A 198 -12.20 4.06 14.29
N VAL A 199 -12.80 3.63 15.40
CA VAL A 199 -13.16 2.24 15.60
C VAL A 199 -14.67 2.15 15.64
N SER A 200 -15.23 1.10 15.03
CA SER A 200 -16.68 0.94 14.98
CA SER A 200 -16.69 0.93 14.96
C SER A 200 -17.10 -0.52 15.15
N GLY A 201 -18.36 -0.74 15.48
CA GLY A 201 -18.93 -2.07 15.58
C GLY A 201 -19.84 -2.15 16.79
N THR A 202 -20.98 -2.82 16.65
CA THR A 202 -21.88 -2.94 17.79
C THR A 202 -21.89 -4.34 18.34
N HIS A 203 -22.66 -5.26 17.74
CA HIS A 203 -22.72 -6.63 18.25
C HIS A 203 -22.72 -7.66 17.13
N ALA A 204 -22.52 -8.92 17.53
CA ALA A 204 -22.44 -10.07 16.62
C ALA A 204 -23.62 -11.00 16.90
N HIS A 205 -23.71 -12.11 16.17
CA HIS A 205 -24.84 -13.06 16.36
C HIS A 205 -24.86 -13.71 17.76
N SER A 206 -23.69 -13.91 18.34
CA SER A 206 -23.56 -14.57 19.64
C SER A 206 -24.38 -13.90 20.75
N LEU A 207 -24.45 -12.56 20.75
CA LEU A 207 -25.30 -11.83 21.71
C LEU A 207 -26.74 -12.26 21.59
N VAL A 208 -27.22 -12.33 20.35
CA VAL A 208 -28.61 -12.72 20.07
C VAL A 208 -28.86 -14.18 20.49
N GLN A 209 -27.94 -15.07 20.10
CA GLN A 209 -28.06 -16.50 20.47
C GLN A 209 -27.97 -16.71 21.99
N SER A 210 -27.24 -15.85 22.69
CA SER A 210 -27.15 -15.94 24.16
C SER A 210 -28.49 -15.74 24.86
N TYR A 211 -29.43 -15.04 24.21
CA TYR A 211 -30.79 -14.85 24.72
C TYR A 211 -31.79 -15.80 24.05
N GLY A 212 -31.49 -16.25 22.84
CA GLY A 212 -32.42 -17.08 22.08
C GLY A 212 -33.54 -16.29 21.42
N ASN A 213 -33.45 -14.96 21.42
CA ASN A 213 -34.37 -14.15 20.63
C ASN A 213 -33.91 -12.71 20.44
N ASP A 214 -34.33 -12.16 19.31
CA ASP A 214 -33.87 -10.86 18.85
C ASP A 214 -34.27 -9.74 19.81
N TYR A 215 -35.53 -9.72 20.22
CA TYR A 215 -36.05 -8.61 21.01
C TYR A 215 -35.29 -8.44 22.32
N GLU A 216 -35.06 -9.54 23.03
CA GLU A 216 -34.39 -9.45 24.32
C GLU A 216 -32.91 -9.08 24.18
N ALA A 217 -32.24 -9.55 23.13
CA ALA A 217 -30.84 -9.20 22.88
C ALA A 217 -30.70 -7.71 22.50
N PHE A 218 -31.59 -7.25 21.65
CA PHE A 218 -31.57 -5.86 21.21
C PHE A 218 -31.87 -4.92 22.39
N MET A 219 -32.83 -5.31 23.20
CA MET A 219 -33.13 -4.53 24.43
C MET A 219 -31.94 -4.51 25.36
N ALA A 220 -31.25 -5.66 25.51
CA ALA A 220 -30.06 -5.73 26.35
C ALA A 220 -28.99 -4.77 25.85
N TYR A 221 -28.81 -4.74 24.53
CA TYR A 221 -27.81 -3.86 23.92
C TYR A 221 -28.22 -2.40 24.10
N ALA A 222 -29.49 -2.11 23.86
CA ALA A 222 -30.05 -0.76 24.01
C ALA A 222 -30.00 -0.24 25.46
N LYS A 223 -30.16 -1.11 26.44
CA LYS A 223 -30.04 -0.71 27.86
C LYS A 223 -28.63 -0.31 28.26
N THR A 224 -27.63 -0.82 27.55
CA THR A 224 -26.23 -0.69 27.94
C THR A 224 -25.40 0.18 26.98
N HIS A 225 -26.01 0.64 25.89
CA HIS A 225 -25.31 1.47 24.87
C HIS A 225 -26.22 2.53 24.30
N ARG A 226 -25.64 3.66 23.92
CA ARG A 226 -26.43 4.71 23.27
CA ARG A 226 -26.36 4.75 23.26
C ARG A 226 -26.53 4.49 21.75
N ASP A 227 -25.41 4.21 21.09
CA ASP A 227 -25.41 4.06 19.61
C ASP A 227 -25.76 2.61 19.20
N CYS A 228 -26.94 2.46 18.64
CA CYS A 228 -27.49 1.13 18.39
C CYS A 228 -27.61 0.83 16.89
N VAL A 229 -26.84 -0.17 16.46
CA VAL A 229 -27.06 -0.87 15.18
C VAL A 229 -27.35 -2.32 15.54
N PHE A 230 -28.54 -2.79 15.17
CA PHE A 230 -28.98 -4.14 15.49
C PHE A 230 -28.75 -5.08 14.30
N LEU A 231 -28.03 -6.18 14.54
CA LEU A 231 -27.84 -7.25 13.57
C LEU A 231 -29.09 -8.13 13.57
N VAL A 232 -29.78 -8.18 12.44
CA VAL A 232 -31.13 -8.71 12.38
C VAL A 232 -31.32 -10.11 11.76
N ASP A 233 -30.24 -10.75 11.32
CA ASP A 233 -30.38 -11.97 10.54
C ASP A 233 -30.00 -13.25 11.28
N THR A 234 -30.10 -13.27 12.61
CA THR A 234 -29.75 -14.48 13.35
C THR A 234 -30.74 -15.60 12.99
N TYR A 235 -32.02 -15.27 12.93
CA TYR A 235 -33.09 -16.26 12.76
C TYR A 235 -33.86 -16.01 11.48
N ASP A 236 -34.41 -14.81 11.36
CA ASP A 236 -35.14 -14.41 10.17
C ASP A 236 -35.21 -12.88 10.09
N THR A 237 -34.49 -12.35 9.12
CA THR A 237 -34.38 -10.91 8.94
C THR A 237 -35.72 -10.20 8.86
N LEU A 238 -36.58 -10.63 7.94
CA LEU A 238 -37.82 -9.92 7.70
C LEU A 238 -38.89 -10.19 8.75
N LYS A 239 -38.96 -11.42 9.21
CA LYS A 239 -40.00 -11.82 10.12
C LYS A 239 -39.70 -11.66 11.60
N ALA A 240 -38.44 -11.75 11.98
CA ALA A 240 -38.07 -11.68 13.40
C ALA A 240 -37.19 -10.48 13.74
N GLY A 241 -36.07 -10.33 13.03
CA GLY A 241 -35.07 -9.32 13.36
C GLY A 241 -35.49 -7.88 13.23
N VAL A 242 -35.94 -7.50 12.04
CA VAL A 242 -36.32 -6.13 11.77
C VAL A 242 -37.55 -5.69 12.61
N PRO A 243 -38.61 -6.51 12.68
CA PRO A 243 -39.71 -6.10 13.59
C PRO A 243 -39.26 -5.95 15.04
N SER A 244 -38.34 -6.81 15.49
CA SER A 244 -37.82 -6.67 16.86
C SER A 244 -37.03 -5.40 17.05
N ALA A 245 -36.22 -5.05 16.07
CA ALA A 245 -35.44 -3.81 16.11
C ALA A 245 -36.34 -2.60 16.21
N ILE A 246 -37.38 -2.59 15.38
CA ILE A 246 -38.37 -1.52 15.37
C ILE A 246 -39.05 -1.44 16.72
N ARG A 247 -39.39 -2.57 17.31
CA ARG A 247 -40.05 -2.53 18.61
C ARG A 247 -39.13 -1.90 19.67
N VAL A 248 -37.87 -2.31 19.72
CA VAL A 248 -36.94 -1.74 20.68
C VAL A 248 -36.77 -0.22 20.48
N ALA A 249 -36.63 0.21 19.25
CA ALA A 249 -36.45 1.60 18.93
C ALA A 249 -37.66 2.44 19.37
N ARG A 250 -38.86 1.90 19.23
CA ARG A 250 -40.08 2.61 19.65
C ARG A 250 -40.16 2.70 21.16
N GLU A 251 -39.80 1.62 21.83
CA GLU A 251 -39.88 1.58 23.30
C GLU A 251 -38.85 2.47 23.95
N MET A 252 -37.65 2.52 23.39
CA MET A 252 -36.56 3.33 23.95
C MET A 252 -36.62 4.79 23.59
N GLY A 253 -37.23 5.12 22.46
CA GLY A 253 -37.33 6.51 22.01
C GLY A 253 -36.00 7.25 21.97
N ASP A 254 -35.95 8.43 22.60
CA ASP A 254 -34.73 9.27 22.55
C ASP A 254 -33.63 8.86 23.54
N LYS A 255 -33.86 7.77 24.28
CA LYS A 255 -32.85 7.24 25.16
C LYS A 255 -31.73 6.49 24.42
N ILE A 256 -31.94 6.19 23.14
CA ILE A 256 -30.87 5.65 22.28
C ILE A 256 -30.75 6.47 21.01
N ASN A 257 -29.64 6.29 20.30
CA ASN A 257 -29.58 6.65 18.87
C ASN A 257 -29.79 5.38 18.06
N PHE A 258 -30.96 5.24 17.46
CA PHE A 258 -31.22 4.10 16.59
C PHE A 258 -30.55 4.36 15.22
N LEU A 259 -29.27 4.00 15.10
CA LEU A 259 -28.54 4.25 13.85
C LEU A 259 -29.04 3.37 12.70
N GLY A 260 -29.51 2.16 13.02
CA GLY A 260 -30.10 1.30 12.01
C GLY A 260 -29.93 -0.17 12.25
N VAL A 261 -29.90 -0.94 11.16
CA VAL A 261 -29.87 -2.39 11.24
C VAL A 261 -28.81 -2.91 10.29
N ARG A 262 -28.20 -4.03 10.67
CA ARG A 262 -27.20 -4.68 9.82
C ARG A 262 -27.70 -6.02 9.29
N ILE A 263 -27.48 -6.23 7.99
CA ILE A 263 -27.78 -7.49 7.33
C ILE A 263 -26.46 -8.11 6.87
N ASP A 264 -26.26 -9.38 7.18
CA ASP A 264 -24.99 -10.06 6.94
C ASP A 264 -25.15 -11.32 6.08
N SER A 265 -26.30 -11.47 5.43
CA SER A 265 -26.57 -12.66 4.62
C SER A 265 -27.75 -12.44 3.68
N GLY A 266 -27.97 -13.42 2.81
CA GLY A 266 -29.10 -13.41 1.87
C GLY A 266 -28.77 -12.62 0.61
N ASP A 267 -29.77 -12.52 -0.26
CA ASP A 267 -29.65 -11.71 -1.47
C ASP A 267 -29.89 -10.27 -1.08
N MET A 268 -28.80 -9.54 -0.92
CA MET A 268 -28.83 -8.22 -0.30
C MET A 268 -29.65 -7.19 -1.03
N ALA A 269 -29.75 -7.31 -2.37
CA ALA A 269 -30.48 -6.31 -3.14
C ALA A 269 -31.97 -6.40 -2.80
N TYR A 270 -32.53 -7.60 -2.82
CA TYR A 270 -33.96 -7.79 -2.51
C TYR A 270 -34.27 -7.57 -1.03
N ILE A 271 -33.43 -8.13 -0.15
CA ILE A 271 -33.60 -7.94 1.29
C ILE A 271 -33.53 -6.47 1.68
N SER A 272 -32.51 -5.73 1.19
CA SER A 272 -32.37 -4.31 1.53
C SER A 272 -33.59 -3.48 1.13
N LYS A 273 -34.23 -3.80 0.01
CA LYS A 273 -35.41 -3.07 -0.44
C LYS A 273 -36.61 -3.29 0.49
N ARG A 274 -36.81 -4.53 0.92
CA ARG A 274 -37.93 -4.82 1.79
C ARG A 274 -37.68 -4.26 3.20
N VAL A 275 -36.45 -4.38 3.70
CA VAL A 275 -36.08 -3.81 5.00
C VAL A 275 -36.26 -2.28 4.99
N ARG A 276 -35.90 -1.64 3.88
CA ARG A 276 -36.05 -0.20 3.74
C ARG A 276 -37.55 0.16 3.90
N GLU A 277 -38.40 -0.63 3.29
CA GLU A 277 -39.85 -0.42 3.38
C GLU A 277 -40.38 -0.62 4.79
N GLN A 278 -39.90 -1.64 5.50
CA GLN A 278 -40.37 -1.91 6.86
C GLN A 278 -40.01 -0.79 7.81
N LEU A 279 -38.75 -0.34 7.73
CA LEU A 279 -38.30 0.82 8.51
C LEU A 279 -39.12 2.08 8.23
N ASP A 280 -39.26 2.42 6.95
CA ASP A 280 -39.98 3.62 6.53
C ASP A 280 -41.45 3.57 6.95
N GLU A 281 -42.10 2.42 6.77
CA GLU A 281 -43.51 2.27 7.20
C GLU A 281 -43.66 2.45 8.71
N ALA A 282 -42.66 2.09 9.49
CA ALA A 282 -42.75 2.28 10.94
C ALA A 282 -42.37 3.69 11.38
N GLY A 283 -42.02 4.55 10.43
CA GLY A 283 -41.60 5.92 10.72
C GLY A 283 -40.10 6.13 10.92
N PHE A 284 -39.29 5.10 10.71
CA PHE A 284 -37.85 5.23 10.94
C PHE A 284 -37.13 5.46 9.62
N THR A 285 -37.41 6.61 9.01
CA THR A 285 -36.94 6.94 7.67
C THR A 285 -35.47 7.37 7.68
N GLU A 286 -34.94 7.67 8.86
CA GLU A 286 -33.53 8.02 8.99
C GLU A 286 -32.66 6.85 9.45
N ALA A 287 -33.27 5.74 9.89
CA ALA A 287 -32.48 4.56 10.24
C ALA A 287 -31.77 4.01 8.99
N LYS A 288 -30.49 3.68 9.14
CA LYS A 288 -29.68 3.20 8.02
C LYS A 288 -29.61 1.68 7.92
N ILE A 289 -29.29 1.19 6.73
CA ILE A 289 -29.08 -0.23 6.52
C ILE A 289 -27.60 -0.45 6.29
N TYR A 290 -27.01 -1.29 7.15
CA TYR A 290 -25.60 -1.67 7.08
C TYR A 290 -25.53 -3.07 6.48
N ALA A 291 -24.61 -3.28 5.54
CA ALA A 291 -24.45 -4.58 4.89
C ALA A 291 -23.02 -5.07 5.01
N SER A 292 -22.88 -6.36 5.27
CA SER A 292 -21.57 -7.03 5.26
C SER A 292 -21.77 -8.43 4.65
N ASN A 293 -20.68 -9.13 4.33
CA ASN A 293 -20.70 -10.51 3.77
C ASN A 293 -20.15 -10.64 2.34
N ASP A 294 -18.85 -10.95 2.25
CA ASP A 294 -18.16 -11.26 0.98
C ASP A 294 -18.24 -10.14 -0.05
N LEU A 295 -18.16 -8.92 0.44
CA LEU A 295 -18.28 -7.77 -0.43
C LEU A 295 -16.91 -7.41 -0.99
N ASP A 296 -16.91 -6.87 -2.20
CA ASP A 296 -15.74 -6.20 -2.80
C ASP A 296 -16.26 -5.14 -3.79
N GLU A 297 -15.36 -4.51 -4.54
CA GLU A 297 -15.78 -3.47 -5.48
C GLU A 297 -16.77 -3.98 -6.53
N ASN A 298 -16.59 -5.22 -7.01
CA ASN A 298 -17.47 -5.78 -8.04
C ASN A 298 -18.89 -5.99 -7.51
N THR A 299 -19.01 -6.64 -6.35
CA THR A 299 -20.35 -6.93 -5.82
C THR A 299 -21.02 -5.68 -5.34
N ILE A 300 -20.24 -4.75 -4.78
CA ILE A 300 -20.79 -3.49 -4.32
C ILE A 300 -21.30 -2.64 -5.46
N LEU A 301 -20.53 -2.56 -6.54
CA LEU A 301 -21.01 -1.81 -7.70
C LEU A 301 -22.33 -2.41 -8.23
N ASN A 302 -22.37 -3.73 -8.38
CA ASN A 302 -23.58 -4.40 -8.78
C ASN A 302 -24.75 -4.10 -7.84
N LEU A 303 -24.54 -4.24 -6.53
CA LEU A 303 -25.66 -3.96 -5.60
C LEU A 303 -26.20 -2.55 -5.74
N LYS A 304 -25.31 -1.57 -5.87
CA LYS A 304 -25.69 -0.17 -6.01
C LYS A 304 -26.36 0.08 -7.34
N MET A 305 -25.93 -0.61 -8.40
CA MET A 305 -26.59 -0.50 -9.69
C MET A 305 -27.95 -1.19 -9.74
N GLN A 306 -28.16 -2.19 -8.89
CA GLN A 306 -29.48 -2.80 -8.69
C GLN A 306 -30.41 -1.95 -7.79
N LYS A 307 -29.95 -0.78 -7.37
CA LYS A 307 -30.70 0.15 -6.50
C LYS A 307 -30.97 -0.47 -5.13
N SER A 308 -29.96 -1.16 -4.59
CA SER A 308 -30.04 -1.67 -3.24
C SER A 308 -30.16 -0.48 -2.31
N LYS A 309 -30.82 -0.68 -1.19
CA LYS A 309 -31.02 0.41 -0.23
C LYS A 309 -29.99 0.26 0.91
N ILE A 310 -28.72 0.17 0.55
CA ILE A 310 -27.66 -0.01 1.55
C ILE A 310 -26.97 1.32 1.75
N ASP A 311 -26.77 1.71 3.02
CA ASP A 311 -26.15 2.99 3.36
C ASP A 311 -24.71 2.89 3.83
N VAL A 312 -24.34 1.76 4.45
CA VAL A 312 -23.04 1.59 5.06
C VAL A 312 -22.50 0.22 4.69
N TRP A 313 -21.21 0.16 4.33
CA TRP A 313 -20.61 -1.08 3.81
C TRP A 313 -19.49 -1.60 4.69
N GLY A 314 -19.63 -2.82 5.18
CA GLY A 314 -18.59 -3.48 5.93
C GLY A 314 -17.88 -4.45 5.01
N VAL A 315 -16.57 -4.29 4.87
CA VAL A 315 -15.78 -5.15 3.98
C VAL A 315 -14.66 -5.78 4.80
N GLY A 316 -14.55 -7.10 4.68
CA GLY A 316 -13.55 -7.85 5.44
C GLY A 316 -12.54 -8.55 4.56
N THR A 317 -12.75 -9.85 4.37
CA THR A 317 -11.80 -10.76 3.73
C THR A 317 -11.20 -10.22 2.46
N LYS A 318 -12.06 -9.71 1.58
CA LYS A 318 -11.60 -9.41 0.23
C LYS A 318 -10.77 -8.15 0.18
N LEU A 319 -10.96 -7.25 1.15
CA LEU A 319 -10.14 -6.04 1.26
C LEU A 319 -8.82 -6.35 1.97
N ILE A 320 -8.88 -6.96 3.15
CA ILE A 320 -7.71 -7.09 4.02
C ILE A 320 -6.63 -8.04 3.46
N THR A 321 -7.06 -9.01 2.66
CA THR A 321 -6.14 -9.95 1.99
C THR A 321 -5.87 -9.63 0.53
N ALA A 322 -6.48 -8.56 0.01
CA ALA A 322 -6.43 -8.23 -1.43
C ALA A 322 -6.67 -9.50 -2.26
N TYR A 323 -7.80 -10.14 -1.98
CA TYR A 323 -8.08 -11.53 -2.33
C TYR A 323 -7.84 -11.89 -3.81
N ASP A 324 -8.28 -11.04 -4.73
CA ASP A 324 -8.11 -11.31 -6.16
C ASP A 324 -6.66 -11.11 -6.67
N GLN A 325 -5.82 -10.41 -5.91
CA GLN A 325 -4.41 -10.29 -6.23
C GLN A 325 -3.62 -9.97 -4.93
N PRO A 326 -3.23 -11.03 -4.18
CA PRO A 326 -2.72 -10.83 -2.83
C PRO A 326 -1.23 -10.49 -2.74
N ALA A 327 -0.62 -10.10 -3.86
CA ALA A 327 0.75 -9.62 -3.88
C ALA A 327 0.91 -8.56 -4.99
N LEU A 328 1.65 -7.50 -4.68
CA LEU A 328 1.83 -6.37 -5.60
C LEU A 328 2.91 -6.67 -6.65
N GLY A 329 3.92 -7.43 -6.23
CA GLY A 329 5.02 -7.81 -7.12
C GLY A 329 6.13 -6.76 -7.17
N ALA A 330 6.26 -5.95 -6.13
CA ALA A 330 7.38 -4.99 -6.09
C ALA A 330 8.72 -5.72 -5.92
N VAL A 331 9.76 -5.25 -6.61
CA VAL A 331 11.11 -5.84 -6.58
C VAL A 331 12.12 -4.74 -6.19
N PHE A 332 13.34 -5.14 -5.81
CA PHE A 332 14.46 -4.21 -5.55
C PHE A 332 15.61 -4.61 -6.48
N LYS A 333 16.15 -3.67 -7.24
CA LYS A 333 17.22 -4.00 -8.19
C LYS A 333 18.39 -3.02 -8.04
N LEU A 334 19.61 -3.52 -8.21
CA LEU A 334 20.81 -2.69 -8.29
C LEU A 334 20.82 -1.97 -9.63
N VAL A 335 20.91 -0.64 -9.61
CA VAL A 335 20.87 0.15 -10.83
C VAL A 335 22.18 0.92 -11.12
N SER A 336 23.03 1.05 -10.10
CA SER A 336 24.35 1.67 -10.29
C SER A 336 25.31 1.24 -9.20
N ILE A 337 26.57 1.05 -9.56
CA ILE A 337 27.60 0.55 -8.64
C ILE A 337 28.92 1.24 -8.93
N GLU A 338 29.67 1.56 -7.87
CA GLU A 338 31.00 2.14 -7.99
C GLU A 338 31.96 1.15 -8.66
N GLY A 339 32.65 1.61 -9.70
CA GLY A 339 33.64 0.79 -10.40
C GLY A 339 35.04 0.92 -9.80
N GLU A 340 36.01 0.23 -10.38
CA GLU A 340 37.39 0.21 -9.84
C GLU A 340 38.07 1.57 -9.89
N ASP A 341 37.70 2.37 -10.89
CA ASP A 341 38.19 3.75 -11.04
C ASP A 341 37.49 4.74 -10.10
N GLY A 342 36.62 4.25 -9.22
CA GLY A 342 35.91 5.09 -8.27
C GLY A 342 34.74 5.88 -8.85
N GLN A 343 34.40 5.63 -10.12
CA GLN A 343 33.27 6.29 -10.76
C GLN A 343 32.07 5.34 -10.81
N MET A 344 30.87 5.91 -10.88
CA MET A 344 29.66 5.11 -10.89
C MET A 344 29.41 4.47 -12.25
N LYS A 345 29.07 3.18 -12.22
CA LYS A 345 28.78 2.41 -13.43
C LYS A 345 27.33 1.92 -13.36
N ASP A 346 26.55 2.25 -14.38
CA ASP A 346 25.16 1.82 -14.37
C ASP A 346 25.07 0.35 -14.74
N THR A 347 24.16 -0.37 -14.09
CA THR A 347 24.12 -1.82 -14.20
C THR A 347 22.78 -2.24 -14.78
N ILE A 348 22.80 -3.34 -15.51
CA ILE A 348 21.60 -3.87 -16.17
C ILE A 348 21.53 -5.38 -15.94
N LYS A 349 20.32 -5.92 -15.94
CA LYS A 349 20.07 -7.37 -15.86
C LYS A 349 19.09 -7.69 -16.97
N LEU A 350 19.40 -8.71 -17.77
CA LEU A 350 18.57 -9.08 -18.91
C LEU A 350 17.57 -10.15 -18.54
N SER A 351 16.65 -10.42 -19.46
CA SER A 351 15.73 -11.54 -19.34
C SER A 351 15.14 -11.84 -20.72
N SER A 352 14.42 -12.96 -20.83
CA SER A 352 13.73 -13.34 -22.07
C SER A 352 12.92 -12.18 -22.65
N ASN A 353 12.25 -11.44 -21.77
CA ASN A 353 11.49 -10.24 -22.14
C ASN A 353 12.38 -8.98 -22.27
N ALA A 354 12.30 -8.31 -23.41
CA ALA A 354 13.07 -7.07 -23.65
C ALA A 354 12.41 -5.82 -23.04
N GLU A 355 11.17 -5.97 -22.57
CA GLU A 355 10.50 -4.94 -21.77
C GLU A 355 10.68 -5.17 -20.27
N LYS A 356 11.09 -6.40 -19.90
CA LYS A 356 11.32 -6.77 -18.48
C LYS A 356 12.81 -6.59 -18.08
N VAL A 357 13.58 -5.96 -18.96
CA VAL A 357 14.96 -5.59 -18.67
C VAL A 357 14.94 -4.40 -17.74
N THR A 358 15.79 -4.41 -16.71
CA THR A 358 15.86 -3.29 -15.76
C THR A 358 16.34 -2.01 -16.46
N THR A 359 15.80 -0.86 -16.03
CA THR A 359 16.26 0.45 -16.50
C THR A 359 17.39 0.89 -15.58
N PRO A 360 18.62 1.01 -16.13
CA PRO A 360 19.78 1.35 -15.29
C PRO A 360 19.85 2.83 -14.89
N GLY A 361 20.71 3.10 -13.92
CA GLY A 361 21.03 4.45 -13.46
C GLY A 361 20.22 4.93 -12.28
N LYS A 362 20.78 5.87 -11.55
CA LYS A 362 20.08 6.54 -10.46
C LYS A 362 19.11 7.52 -11.07
N LYS A 363 17.82 7.38 -10.74
CA LYS A 363 16.77 8.16 -11.40
C LYS A 363 15.93 9.00 -10.43
N GLN A 364 15.20 9.96 -11.00
CA GLN A 364 14.16 10.69 -10.28
C GLN A 364 12.84 10.57 -11.08
N VAL A 365 11.72 10.66 -10.39
CA VAL A 365 10.42 10.64 -11.04
C VAL A 365 9.79 12.01 -10.92
N TRP A 366 9.41 12.59 -12.05
CA TRP A 366 8.83 13.93 -12.07
C TRP A 366 7.37 13.83 -12.46
N ARG A 367 6.47 14.30 -11.58
CA ARG A 367 5.06 14.37 -11.92
C ARG A 367 4.80 15.69 -12.65
N ILE A 368 4.35 15.58 -13.91
CA ILE A 368 4.12 16.70 -14.80
C ILE A 368 2.63 17.10 -14.75
N THR A 369 2.39 18.39 -14.46
CA THR A 369 1.04 18.97 -14.51
C THR A 369 1.03 20.24 -15.33
N ARG A 370 -0.05 20.44 -16.07
CA ARG A 370 -0.23 21.63 -16.89
C ARG A 370 -0.49 22.81 -15.95
N LYS A 371 0.24 23.91 -16.12
CA LYS A 371 0.09 25.07 -15.23
C LYS A 371 -1.34 25.65 -15.24
N SER A 372 -1.96 25.69 -16.41
CA SER A 372 -3.25 26.38 -16.57
C SER A 372 -4.32 25.75 -15.70
N ASP A 373 -4.62 24.48 -15.94
CA ASP A 373 -5.75 23.78 -15.31
C ASP A 373 -5.36 22.56 -14.47
N LYS A 374 -4.08 22.44 -14.11
CA LYS A 374 -3.60 21.31 -13.27
C LYS A 374 -3.81 19.93 -13.91
N LYS A 375 -4.06 19.88 -15.22
CA LYS A 375 -4.31 18.61 -15.92
C LYS A 375 -3.13 17.63 -15.78
N SER A 376 -3.44 16.39 -15.37
CA SER A 376 -2.45 15.32 -15.22
C SER A 376 -1.85 14.99 -16.59
N GLU A 377 -0.56 15.22 -16.77
CA GLU A 377 0.13 14.89 -18.05
C GLU A 377 0.92 13.58 -17.95
N GLY A 378 1.17 13.10 -16.73
CA GLY A 378 1.94 11.87 -16.56
C GLY A 378 3.21 12.06 -15.75
N ASP A 379 3.94 10.95 -15.59
CA ASP A 379 5.22 10.93 -14.94
C ASP A 379 6.34 10.80 -15.96
N TYR A 380 7.45 11.47 -15.64
CA TYR A 380 8.59 11.65 -16.54
C TYR A 380 9.82 11.26 -15.73
N VAL A 381 10.42 10.14 -16.11
CA VAL A 381 11.49 9.52 -15.35
C VAL A 381 12.82 9.89 -16.00
N THR A 382 13.67 10.58 -15.24
CA THR A 382 14.96 11.07 -15.73
C THR A 382 16.14 10.42 -15.03
N LEU A 383 17.30 10.53 -15.65
CA LEU A 383 18.54 10.30 -14.93
C LEU A 383 18.69 11.40 -13.88
N TRP A 384 19.52 11.14 -12.88
CA TRP A 384 19.65 12.03 -11.72
C TRP A 384 20.07 13.44 -12.09
N ASN A 385 20.88 13.58 -13.14
CA ASN A 385 21.44 14.88 -13.55
C ASN A 385 20.48 15.85 -14.27
N GLU A 386 19.30 15.38 -14.71
CA GLU A 386 18.33 16.23 -15.42
C GLU A 386 17.29 16.83 -14.48
N ASP A 387 16.91 18.07 -14.74
CA ASP A 387 15.88 18.74 -13.96
C ASP A 387 14.91 19.50 -14.88
N PRO A 388 13.70 18.94 -15.07
CA PRO A 388 12.71 19.51 -15.97
C PRO A 388 12.10 20.84 -15.50
N ARG A 389 12.31 21.19 -14.24
CA ARG A 389 11.93 22.52 -13.77
C ARG A 389 12.75 23.60 -14.49
N GLN A 390 13.98 23.24 -14.90
CA GLN A 390 14.88 24.18 -15.62
CA GLN A 390 14.89 24.16 -15.62
C GLN A 390 14.67 24.15 -17.13
N GLU A 391 13.64 23.46 -17.61
CA GLU A 391 13.43 23.32 -19.06
C GLU A 391 12.11 23.93 -19.47
N GLU A 392 12.10 24.59 -20.63
CA GLU A 392 10.87 25.17 -21.16
C GLU A 392 9.98 24.10 -21.78
N GLU A 393 10.61 23.07 -22.33
CA GLU A 393 9.90 22.06 -23.09
C GLU A 393 10.48 20.69 -22.79
N ILE A 394 9.63 19.69 -22.61
CA ILE A 394 10.09 18.30 -22.50
C ILE A 394 9.37 17.43 -23.50
N TYR A 395 10.06 16.38 -23.93
CA TYR A 395 9.53 15.46 -24.90
C TYR A 395 9.11 14.17 -24.20
N MET A 396 7.81 13.94 -24.12
CA MET A 396 7.25 12.76 -23.46
C MET A 396 6.82 11.74 -24.51
N PHE A 397 7.44 10.57 -24.51
CA PHE A 397 7.06 9.51 -25.42
C PHE A 397 6.88 8.20 -24.67
N HIS A 398 5.97 7.37 -25.17
CA HIS A 398 5.74 6.05 -24.61
C HIS A 398 7.01 5.22 -24.89
N PRO A 399 7.56 4.55 -23.85
CA PRO A 399 8.87 3.89 -24.02
C PRO A 399 8.89 2.68 -24.95
N VAL A 400 7.74 2.03 -25.15
CA VAL A 400 7.60 0.98 -26.18
C VAL A 400 7.03 1.54 -27.49
N HIS A 401 5.83 2.10 -27.44
CA HIS A 401 5.17 2.71 -28.60
C HIS A 401 5.66 4.14 -28.80
N THR A 402 6.89 4.29 -29.26
CA THR A 402 7.54 5.62 -29.27
C THR A 402 6.89 6.65 -30.22
N PHE A 403 6.04 6.17 -31.11
CA PHE A 403 5.30 7.02 -32.04
C PHE A 403 4.11 7.70 -31.36
N ILE A 404 3.85 7.33 -30.10
CA ILE A 404 2.93 8.05 -29.24
C ILE A 404 3.78 8.98 -28.39
N ASN A 405 3.60 10.28 -28.59
CA ASN A 405 4.48 11.27 -28.01
C ASN A 405 3.86 12.69 -28.05
N LYS A 406 4.36 13.56 -27.19
CA LYS A 406 3.94 14.95 -27.12
C LYS A 406 5.10 15.80 -26.62
N TYR A 407 5.17 17.03 -27.11
CA TYR A 407 6.04 18.05 -26.53
C TYR A 407 5.21 18.77 -25.48
N VAL A 408 5.73 18.86 -24.27
CA VAL A 408 5.00 19.51 -23.18
C VAL A 408 5.70 20.81 -22.79
N ARG A 409 4.94 21.91 -22.80
CA ARG A 409 5.41 23.22 -22.33
C ARG A 409 4.43 23.75 -21.30
N ASP A 410 4.81 24.81 -20.61
CA ASP A 410 3.93 25.45 -19.62
C ASP A 410 3.44 24.44 -18.58
N PHE A 411 4.40 23.73 -18.01
CA PHE A 411 4.10 22.65 -17.05
C PHE A 411 4.77 22.95 -15.75
N GLU A 412 4.29 22.30 -14.70
CA GLU A 412 5.03 22.21 -13.45
C GLU A 412 5.48 20.75 -13.31
N ALA A 413 6.65 20.58 -12.72
CA ALA A 413 7.23 19.27 -12.51
C ALA A 413 7.60 19.15 -11.05
N ARG A 414 7.08 18.11 -10.41
CA ARG A 414 7.33 17.82 -9.00
C ARG A 414 8.10 16.50 -8.85
N PRO A 415 9.24 16.51 -8.13
CA PRO A 415 9.97 15.27 -7.91
C PRO A 415 9.24 14.43 -6.87
N VAL A 416 9.00 13.16 -7.18
CA VAL A 416 8.22 12.29 -6.28
C VAL A 416 9.08 11.67 -5.17
N LEU A 417 10.31 11.30 -5.50
CA LEU A 417 11.20 10.71 -4.49
C LEU A 417 11.74 11.82 -3.59
N GLN A 418 11.44 11.72 -2.30
CA GLN A 418 11.85 12.72 -1.32
C GLN A 418 12.87 12.14 -0.38
N ASP A 419 13.81 12.98 0.08
CA ASP A 419 14.81 12.56 1.06
C ASP A 419 14.15 12.18 2.38
N ILE A 420 14.41 10.97 2.86
CA ILE A 420 13.92 10.50 4.14
C ILE A 420 15.07 10.38 5.13
N PHE A 421 16.13 9.64 4.75
CA PHE A 421 17.39 9.57 5.51
C PHE A 421 18.50 10.09 4.60
N VAL A 422 19.39 10.92 5.17
CA VAL A 422 20.63 11.30 4.47
C VAL A 422 21.73 10.60 5.23
N GLU A 423 22.45 9.68 4.58
CA GLU A 423 23.54 8.93 5.21
C GLU A 423 23.16 8.37 6.59
N GLY A 424 22.00 7.74 6.66
CA GLY A 424 21.55 7.11 7.90
C GLY A 424 20.86 8.02 8.87
N LYS A 425 20.72 9.31 8.54
CA LYS A 425 20.23 10.30 9.52
C LYS A 425 18.90 10.83 9.05
N ARG A 426 17.87 10.77 9.87
CA ARG A 426 16.54 11.10 9.38
C ARG A 426 16.32 12.60 9.24
N VAL A 427 15.86 13.04 8.07
CA VAL A 427 15.54 14.44 7.84
C VAL A 427 14.06 14.70 7.58
N TYR A 428 13.26 13.65 7.59
CA TYR A 428 11.83 13.74 7.29
C TYR A 428 11.05 13.56 8.57
N GLU A 429 10.22 14.54 8.92
CA GLU A 429 9.33 14.41 10.06
C GLU A 429 8.07 13.62 9.64
N LEU A 430 7.70 12.62 10.44
CA LEU A 430 6.59 11.77 10.09
C LEU A 430 5.27 12.52 10.28
N PRO A 431 4.37 12.45 9.30
CA PRO A 431 3.08 13.08 9.50
C PRO A 431 2.13 12.23 10.33
N THR A 432 1.04 12.83 10.81
CA THR A 432 -0.03 12.11 11.48
C THR A 432 -0.83 11.35 10.43
N LEU A 433 -1.54 10.33 10.87
CA LEU A 433 -2.30 9.47 9.97
C LEU A 433 -3.37 10.26 9.24
N ASP A 434 -4.02 11.20 9.93
CA ASP A 434 -5.01 12.08 9.29
C ASP A 434 -4.40 12.97 8.20
N GLU A 435 -3.17 13.42 8.39
CA GLU A 435 -2.47 14.20 7.38
C GLU A 435 -2.19 13.34 6.14
N ILE A 436 -1.87 12.06 6.36
CA ILE A 436 -1.66 11.11 5.27
C ILE A 436 -2.94 10.88 4.47
N LYS A 437 -4.04 10.63 5.20
CA LYS A 437 -5.32 10.38 4.57
C LYS A 437 -5.78 11.59 3.75
N GLN A 438 -5.60 12.79 4.31
CA GLN A 438 -5.94 14.04 3.59
C GLN A 438 -5.09 14.22 2.32
N TYR A 439 -3.82 13.92 2.44
CA TYR A 439 -2.87 13.99 1.32
C TYR A 439 -3.28 13.04 0.19
N ALA A 440 -3.69 11.81 0.52
CA ALA A 440 -4.19 10.87 -0.48
C ALA A 440 -5.41 11.45 -1.19
N LYS A 441 -6.33 12.01 -0.40
CA LYS A 441 -7.56 12.61 -0.91
C LYS A 441 -7.29 13.75 -1.88
N GLU A 442 -6.32 14.58 -1.54
CA GLU A 442 -5.95 15.73 -2.37
C GLU A 442 -5.22 15.31 -3.63
N ASN A 443 -4.37 14.30 -3.51
CA ASN A 443 -3.75 13.71 -4.69
C ASN A 443 -4.78 13.10 -5.63
N LEU A 444 -5.75 12.38 -5.07
CA LEU A 444 -6.81 11.80 -5.90
C LEU A 444 -7.73 12.84 -6.53
N ASP A 445 -8.14 13.84 -5.76
CA ASP A 445 -8.93 14.97 -6.28
C ASP A 445 -8.24 15.67 -7.46
N SER A 446 -6.91 15.66 -7.49
CA SER A 446 -6.12 16.31 -8.54
CA SER A 446 -6.15 16.32 -8.55
C SER A 446 -5.91 15.44 -9.78
N LEU A 447 -6.16 14.14 -9.68
CA LEU A 447 -5.98 13.26 -10.82
C LEU A 447 -7.21 13.38 -11.74
N HIS A 448 -6.98 13.45 -13.05
CA HIS A 448 -8.09 13.51 -14.01
C HIS A 448 -8.96 12.25 -13.94
N GLU A 449 -10.27 12.42 -14.06
CA GLU A 449 -11.25 11.34 -13.89
C GLU A 449 -10.98 10.09 -14.74
N GLU A 450 -10.44 10.27 -15.95
CA GLU A 450 -10.16 9.13 -16.84
C GLU A 450 -9.18 8.11 -16.26
N TYR A 451 -8.30 8.56 -15.36
CA TYR A 451 -7.30 7.71 -14.70
C TYR A 451 -7.83 7.13 -13.39
N LYS A 452 -8.93 7.68 -12.89
CA LYS A 452 -9.43 7.37 -11.56
C LYS A 452 -10.57 6.38 -11.55
N ARG A 453 -11.28 6.24 -12.66
CA ARG A 453 -12.43 5.30 -12.70
C ARG A 453 -12.00 3.83 -12.54
N ASP A 454 -12.91 3.04 -11.98
CA ASP A 454 -12.65 1.61 -11.74
C ASP A 454 -12.74 0.78 -13.03
N LEU A 455 -13.62 1.19 -13.94
CA LEU A 455 -13.83 0.48 -15.22
C LEU A 455 -12.95 1.05 -16.32
N ASN A 456 -12.04 0.23 -16.84
CA ASN A 456 -11.23 0.56 -18.01
C ASN A 456 -10.58 1.94 -17.89
N PRO A 457 -9.89 2.20 -16.78
CA PRO A 457 -9.19 3.48 -16.67
C PRO A 457 -8.22 3.66 -17.81
N GLN A 458 -7.97 4.89 -18.23
CA GLN A 458 -6.91 5.10 -19.21
C GLN A 458 -5.57 4.90 -18.54
N LYS A 459 -4.59 4.54 -19.35
CA LYS A 459 -3.24 4.29 -18.87
C LYS A 459 -2.52 5.59 -18.56
N TYR A 460 -2.17 5.78 -17.29
CA TYR A 460 -1.43 6.97 -16.85
C TYR A 460 -0.01 6.90 -17.44
N PRO A 461 0.41 7.94 -18.17
CA PRO A 461 1.75 7.82 -18.80
C PRO A 461 2.88 7.78 -17.78
N VAL A 462 3.76 6.80 -17.96
CA VAL A 462 5.01 6.75 -17.22
C VAL A 462 6.14 6.66 -18.27
N ASP A 463 6.79 7.78 -18.55
CA ASP A 463 7.66 7.86 -19.72
C ASP A 463 9.08 8.09 -19.28
N LEU A 464 10.02 7.47 -20.00
CA LEU A 464 11.44 7.67 -19.72
C LEU A 464 11.92 8.84 -20.57
N SER A 465 12.77 9.68 -20.00
CA SER A 465 13.35 10.78 -20.75
C SER A 465 14.18 10.22 -21.90
N THR A 466 14.38 11.01 -22.95
CA THR A 466 15.21 10.61 -24.07
C THR A 466 16.59 10.11 -23.62
N ASP A 467 17.23 10.80 -22.69
CA ASP A 467 18.56 10.40 -22.20
C ASP A 467 18.51 9.08 -21.44
N CYS A 468 17.53 8.98 -20.57
CA CYS A 468 17.37 7.76 -19.77
C CYS A 468 17.10 6.56 -20.70
N TRP A 469 16.20 6.76 -21.67
CA TRP A 469 15.85 5.70 -22.65
C TRP A 469 17.05 5.33 -23.53
N ASN A 470 17.78 6.32 -24.06
CA ASN A 470 18.96 6.02 -24.92
C ASN A 470 20.04 5.31 -24.12
N HIS A 471 20.25 5.76 -22.89
CA HIS A 471 21.21 5.15 -22.00
C HIS A 471 20.87 3.67 -21.78
N LYS A 472 19.60 3.38 -21.53
CA LYS A 472 19.16 1.99 -21.39
C LYS A 472 19.46 1.14 -22.63
N MET A 473 19.10 1.66 -23.81
CA MET A 473 19.31 0.91 -25.06
C MET A 473 20.80 0.69 -25.37
N ASN A 474 21.63 1.68 -25.04
CA ASN A 474 23.07 1.58 -25.24
C ASN A 474 23.71 0.51 -24.38
N LEU A 475 23.37 0.46 -23.10
CA LEU A 475 23.86 -0.60 -22.22
C LEU A 475 23.36 -1.96 -22.64
N LEU A 476 22.09 -2.05 -23.04
CA LEU A 476 21.53 -3.30 -23.53
C LEU A 476 22.35 -3.83 -24.72
N GLU A 477 22.64 -2.95 -25.67
CA GLU A 477 23.43 -3.30 -26.85
C GLU A 477 24.85 -3.76 -26.48
N LYS A 478 25.45 -3.10 -25.50
CA LYS A 478 26.80 -3.43 -25.06
C LYS A 478 26.86 -4.82 -24.43
N VAL A 479 25.88 -5.14 -23.59
CA VAL A 479 25.81 -6.47 -22.97
C VAL A 479 25.58 -7.56 -24.01
N ARG A 480 24.66 -7.30 -24.93
CA ARG A 480 24.40 -8.18 -26.06
C ARG A 480 25.67 -8.46 -26.86
N LYS A 481 26.43 -7.41 -27.15
CA LYS A 481 27.69 -7.56 -27.88
CA LYS A 481 27.71 -7.52 -27.85
C LYS A 481 28.71 -8.34 -27.04
N ASP A 482 28.79 -8.08 -25.75
CA ASP A 482 29.71 -8.81 -24.90
C ASP A 482 29.41 -10.30 -24.83
N VAL A 483 28.14 -10.67 -24.74
CA VAL A 483 27.75 -12.09 -24.70
C VAL A 483 28.16 -12.78 -26.02
N LYS A 484 27.98 -12.09 -27.15
CA LYS A 484 28.42 -12.58 -28.46
C LYS A 484 29.92 -12.86 -28.52
N HIS A 485 30.74 -11.90 -28.08
CA HIS A 485 32.21 -12.02 -28.06
C HIS A 485 32.66 -13.21 -27.20
N LEU A 486 31.96 -13.43 -26.09
CA LEU A 486 32.27 -14.52 -25.15
C LEU A 486 32.05 -15.91 -25.76
N THR A 487 30.96 -16.06 -26.51
CA THR A 487 30.62 -17.34 -27.15
C THR A 487 31.57 -17.69 -28.29
N GLU A 488 31.72 -16.75 -29.23
CA GLU A 488 32.52 -16.97 -30.43
C GLU A 488 33.78 -16.14 -30.38
#